data_2RRQ
#
_entry.id   2RRQ
#
loop_
_entity.id
_entity.type
_entity.pdbx_description
1 polymer "DNA (5'-D(*CP*CP*TP*TP*CP*AP*(JDT)P*TP*AP*CP*AP*TP*CP*C)-3')"
2 polymer "DNA (5'-D(*GP*GP*AP*TP*GP*TP*AP*AP*TP*GP*AP*AP*GP*G)-3')"
#
loop_
_entity_poly.entity_id
_entity_poly.type
_entity_poly.pdbx_seq_one_letter_code
_entity_poly.pdbx_strand_id
1 'polydeoxyribonucleotide' (DC)(DC)(DT)(DT)(DC)(DA)(JDT)(DT)(DA)(DC)(DA)(DT)(DC)(DC) A
2 'polydeoxyribonucleotide' (DG)(DG)(DA)(DT)(DG)(DT)(DA)(DA)(DT)(DG)(DA)(DA)(DG)(DG) B
#